data_3KEQ
#
_entry.id   3KEQ
#
_cell.length_a   57.670
_cell.length_b   71.470
_cell.length_c   113.880
_cell.angle_alpha   90.00
_cell.angle_beta   90.00
_cell.angle_gamma   90.00
#
_symmetry.space_group_name_H-M   'P 21 21 21'
#
loop_
_entity.id
_entity.type
_entity.pdbx_description
1 polymer 'Redox-sensing transcriptional repressor rex'
2 non-polymer NICOTINAMIDE-ADENINE-DINUCLEOTIDE
3 water water
#
_entity_poly.entity_id   1
_entity_poly.type   'polypeptide(L)'
_entity_poly.pdbx_seq_one_letter_code
;MIMDKSIPKATAKRLSLYYRIFKRFNTDGIEKASSKQIADALGIDSATVRRDFSYFGELGRRGFGYDVKKLMNFFAEILN
DHSTTNVMLVGCGNIGRALLHYRFHDRNKMQISMAFDLDSNDLVGKTTEDGIPVYGISTINDHLIDSDIETAILTVPSTE
AQEVADILVKAGIKGILSFSPVHLTLPKDIIVQYVDLTSELQTLLYFMNQQR
;
_entity_poly.pdbx_strand_id   A,B
#
# COMPACT_ATOMS: atom_id res chain seq x y z
N SER A 6 -2.41 22.68 13.44
CA SER A 6 -2.47 22.85 11.95
C SER A 6 -1.32 22.08 11.27
N ILE A 7 -1.60 20.84 10.88
CA ILE A 7 -0.55 19.96 10.37
C ILE A 7 -0.45 20.13 8.86
N PRO A 8 0.78 20.18 8.32
CA PRO A 8 0.93 20.16 6.87
C PRO A 8 0.63 18.79 6.30
N LYS A 9 0.17 18.76 5.06
CA LYS A 9 -0.26 17.53 4.41
C LYS A 9 0.83 16.46 4.55
N ALA A 10 2.10 16.79 4.30
CA ALA A 10 3.17 15.75 4.33
C ALA A 10 3.51 15.21 5.72
N THR A 11 3.32 16.00 6.76
CA THR A 11 3.48 15.50 8.11
C THR A 11 2.30 14.59 8.43
N ALA A 12 1.12 14.95 7.93
CA ALA A 12 -0.07 14.16 8.20
C ALA A 12 -0.03 12.78 7.55
N LYS A 13 0.61 12.68 6.40
CA LYS A 13 0.71 11.38 5.78
C LYS A 13 1.48 10.43 6.70
N ARG A 14 2.36 10.95 7.54
CA ARG A 14 3.25 10.08 8.33
C ARG A 14 2.68 9.70 9.68
N LEU A 15 1.60 10.35 10.08
CA LEU A 15 1.02 10.15 11.39
C LEU A 15 0.85 8.68 11.78
N SER A 16 0.15 7.91 10.95
CA SER A 16 -0.17 6.52 11.25
C SER A 16 1.09 5.64 11.26
N LEU A 17 2.16 6.09 10.62
CA LEU A 17 3.45 5.39 10.71
C LEU A 17 4.10 5.60 12.07
N TYR A 18 3.96 6.81 12.64
CA TYR A 18 4.53 7.07 13.97
C TYR A 18 3.77 6.24 15.01
N TYR A 19 2.45 6.10 14.84
CA TYR A 19 1.63 5.35 15.80
C TYR A 19 2.05 3.88 15.88
N ARG A 20 2.41 3.30 14.76
CA ARG A 20 2.77 1.89 14.75
C ARG A 20 4.13 1.65 15.40
N ILE A 21 5.01 2.64 15.34
CA ILE A 21 6.32 2.55 15.97
C ILE A 21 6.22 2.69 17.48
N PHE A 22 5.37 3.60 17.95
CA PHE A 22 5.23 3.86 19.39
C PHE A 22 4.42 2.74 20.10
N LYS A 23 3.58 2.05 19.35
CA LYS A 23 2.97 0.81 19.80
C LYS A 23 4.05 -0.23 20.02
N ARG A 24 4.90 -0.44 19.01
CA ARG A 24 6.04 -1.38 19.10
C ARG A 24 7.04 -1.07 20.24
N PHE A 25 7.39 0.21 20.45
CA PHE A 25 8.26 0.54 21.59
C PHE A 25 7.57 0.20 22.89
N ASN A 26 6.28 0.53 22.99
CA ASN A 26 5.53 0.34 24.22
C ASN A 26 5.23 -1.12 24.56
N THR A 27 5.43 -2.03 23.61
CA THR A 27 5.36 -3.45 23.91
C THR A 27 6.74 -3.92 24.41
N ASP A 28 7.80 -3.48 23.73
CA ASP A 28 9.18 -3.78 24.18
C ASP A 28 9.48 -3.16 25.55
N GLY A 29 8.59 -2.27 26.00
CA GLY A 29 8.73 -1.62 27.31
C GLY A 29 9.58 -0.36 27.28
N ILE A 30 9.84 0.18 26.08
CA ILE A 30 10.73 1.34 25.95
C ILE A 30 10.03 2.65 26.38
N GLU A 31 10.75 3.45 27.17
CA GLU A 31 10.18 4.65 27.83
C GLU A 31 10.30 5.96 27.03
N LYS A 32 11.40 6.09 26.28
CA LYS A 32 11.70 7.30 25.52
C LYS A 32 12.50 6.94 24.28
N ALA A 33 12.42 7.78 23.25
CA ALA A 33 13.01 7.48 21.93
C ALA A 33 13.62 8.71 21.31
N SER A 34 14.55 8.49 20.38
CA SER A 34 15.36 9.56 19.80
C SER A 34 14.85 9.90 18.40
N SER A 35 14.89 11.19 18.05
CA SER A 35 14.79 11.58 16.66
C SER A 35 15.62 10.59 15.84
N LYS A 36 16.80 10.23 16.37
CA LYS A 36 17.61 9.17 15.81
C LYS A 36 16.81 7.87 15.61
N GLN A 37 16.46 7.20 16.70
CA GLN A 37 15.76 5.90 16.60
C GLN A 37 14.59 5.91 15.62
N ILE A 38 13.78 6.96 15.70
CA ILE A 38 12.58 7.05 14.89
C ILE A 38 12.92 7.14 13.39
N ALA A 39 13.87 8.01 13.04
CA ALA A 39 14.20 8.22 11.63
C ALA A 39 14.73 6.94 10.97
N ASP A 40 15.68 6.31 11.67
CA ASP A 40 16.13 4.93 11.40
C ASP A 40 14.92 4.00 11.13
N ALA A 41 14.05 3.81 12.12
CA ALA A 41 12.89 2.93 11.94
C ALA A 41 12.24 3.16 10.60
N LEU A 42 11.92 4.40 10.26
CA LEU A 42 11.14 4.70 9.04
C LEU A 42 11.96 4.96 7.77
N GLY A 43 13.29 5.03 7.87
CA GLY A 43 14.11 5.39 6.70
C GLY A 43 13.69 6.73 6.13
N ILE A 44 13.63 7.74 7.02
CA ILE A 44 13.47 9.16 6.61
C ILE A 44 14.55 9.95 7.34
N ASP A 45 14.84 11.15 6.89
CA ASP A 45 15.84 11.98 7.56
C ASP A 45 15.47 12.14 9.04
N SER A 46 16.48 12.01 9.89
CA SER A 46 16.32 12.31 11.31
C SER A 46 15.75 13.74 11.49
N ALA A 47 16.17 14.66 10.61
CA ALA A 47 15.67 16.02 10.63
C ALA A 47 14.18 16.07 10.42
N THR A 48 13.75 15.50 9.30
CA THR A 48 12.34 15.50 8.91
C THR A 48 11.36 15.07 10.05
N VAL A 49 11.79 14.14 10.90
CA VAL A 49 11.14 13.84 12.17
C VAL A 49 11.07 15.07 13.09
N ARG A 50 12.23 15.64 13.44
CA ARG A 50 12.27 16.83 14.28
C ARG A 50 11.25 17.87 13.85
N ARG A 51 11.18 18.16 12.55
CA ARG A 51 10.26 19.19 12.04
C ARG A 51 8.79 18.74 12.04
N ASP A 52 8.53 17.46 11.79
CA ASP A 52 7.19 16.90 12.02
C ASP A 52 6.80 17.13 13.48
N PHE A 53 7.71 16.87 14.41
CA PHE A 53 7.39 16.84 15.82
C PHE A 53 7.20 18.22 16.40
N SER A 54 7.71 19.23 15.71
CA SER A 54 7.38 20.64 16.01
C SER A 54 5.86 20.89 16.04
N TYR A 55 5.13 20.21 15.17
CA TYR A 55 3.67 20.38 15.07
C TYR A 55 2.87 19.56 16.07
N PHE A 56 3.56 18.98 17.05
CA PHE A 56 2.89 18.17 18.06
C PHE A 56 3.00 18.83 19.43
N GLY A 57 3.46 20.09 19.47
CA GLY A 57 3.38 20.89 20.69
C GLY A 57 4.33 20.53 21.83
N GLU A 58 4.61 19.23 21.99
CA GLU A 58 5.38 18.73 23.17
C GLU A 58 6.20 19.78 23.92
N TYR A 66 11.49 12.31 24.09
CA TYR A 66 10.15 11.97 23.62
C TYR A 66 9.59 10.76 24.37
N ASP A 67 8.62 10.98 25.26
CA ASP A 67 7.97 9.86 25.98
C ASP A 67 7.07 9.06 25.05
N VAL A 68 7.24 7.74 25.12
CA VAL A 68 6.59 6.78 24.23
C VAL A 68 5.12 6.54 24.59
N LYS A 69 4.82 6.34 25.88
CA LYS A 69 3.42 6.15 26.28
C LYS A 69 2.57 7.38 25.95
N LYS A 70 3.12 8.56 26.23
CA LYS A 70 2.43 9.83 25.95
C LYS A 70 2.16 9.99 24.46
N LEU A 71 3.20 9.89 23.64
CA LEU A 71 3.07 10.11 22.20
C LEU A 71 2.25 9.00 21.53
N MET A 72 2.36 7.77 22.02
CA MET A 72 1.50 6.67 21.55
C MET A 72 0.01 6.98 21.85
N ASN A 73 -0.25 7.77 22.90
CA ASN A 73 -1.57 8.30 23.15
C ASN A 73 -1.94 9.43 22.19
N PHE A 74 -1.01 10.36 21.96
CA PHE A 74 -1.20 11.48 21.02
C PHE A 74 -1.58 11.02 19.58
N PHE A 75 -0.98 9.91 19.15
CA PHE A 75 -1.23 9.43 17.81
C PHE A 75 -2.49 8.57 17.80
N ALA A 76 -2.72 7.83 18.87
CA ALA A 76 -3.98 7.14 19.00
C ALA A 76 -5.14 8.17 19.12
N GLU A 77 -5.07 9.10 20.06
CA GLU A 77 -5.97 10.27 20.10
C GLU A 77 -6.24 10.81 18.67
N ILE A 78 -5.21 11.26 17.97
CA ILE A 78 -5.40 11.95 16.69
C ILE A 78 -5.95 11.03 15.58
N LEU A 79 -5.64 9.73 15.64
CA LEU A 79 -6.11 8.76 14.64
C LEU A 79 -7.30 7.88 15.07
N ASN A 80 -7.53 7.79 16.37
CA ASN A 80 -8.54 6.93 17.00
C ASN A 80 -8.35 5.43 16.70
N THR A 84 -15.36 5.29 15.14
CA THR A 84 -16.54 4.46 14.86
C THR A 84 -16.80 4.30 13.37
N THR A 85 -15.90 3.58 12.70
CA THR A 85 -15.86 3.61 11.22
C THR A 85 -16.25 2.30 10.49
N ASN A 86 -17.38 2.36 9.77
CA ASN A 86 -17.77 1.29 8.88
C ASN A 86 -17.43 1.61 7.42
N VAL A 87 -16.90 0.58 6.75
CA VAL A 87 -16.39 0.70 5.41
C VAL A 87 -17.17 -0.20 4.47
N MET A 88 -17.25 0.26 3.22
CA MET A 88 -17.87 -0.43 2.11
C MET A 88 -16.76 -0.98 1.24
N LEU A 89 -16.92 -2.20 0.75
CA LEU A 89 -15.99 -2.78 -0.16
C LEU A 89 -16.72 -3.07 -1.49
N VAL A 90 -16.09 -2.76 -2.59
CA VAL A 90 -16.72 -2.78 -3.87
C VAL A 90 -15.78 -3.53 -4.81
N GLY A 91 -16.23 -4.69 -5.25
CA GLY A 91 -15.43 -5.55 -6.13
C GLY A 91 -14.88 -6.74 -5.36
N CYS A 92 -15.66 -7.83 -5.30
CA CYS A 92 -15.34 -9.06 -4.59
C CYS A 92 -14.62 -10.14 -5.41
N GLY A 93 -13.51 -9.79 -6.05
CA GLY A 93 -12.69 -10.79 -6.71
C GLY A 93 -11.60 -11.30 -5.77
N ASN A 94 -10.47 -11.64 -6.37
CA ASN A 94 -9.31 -12.20 -5.66
C ASN A 94 -8.93 -11.36 -4.49
N ILE A 95 -8.58 -10.12 -4.76
CA ILE A 95 -8.19 -9.22 -3.67
C ILE A 95 -9.35 -9.02 -2.74
N GLY A 96 -10.45 -8.53 -3.28
CA GLY A 96 -11.66 -8.27 -2.51
C GLY A 96 -12.09 -9.36 -1.54
N ARG A 97 -12.15 -10.60 -2.00
CA ARG A 97 -12.56 -11.69 -1.13
C ARG A 97 -11.49 -11.95 -0.05
N ALA A 98 -10.23 -11.66 -0.36
CA ALA A 98 -9.18 -11.67 0.65
C ALA A 98 -9.48 -10.63 1.72
N LEU A 99 -9.85 -9.42 1.36
CA LEU A 99 -10.05 -8.36 2.33
C LEU A 99 -11.30 -8.52 3.14
N LEU A 100 -12.25 -9.32 2.66
CA LEU A 100 -13.49 -9.56 3.40
C LEU A 100 -13.24 -10.41 4.65
N HIS A 101 -12.09 -11.08 4.68
CA HIS A 101 -11.72 -11.91 5.81
C HIS A 101 -10.61 -11.24 6.60
N TYR A 102 -10.23 -10.01 6.24
CA TYR A 102 -9.07 -9.33 6.84
C TYR A 102 -9.53 -8.55 8.06
N ARG A 103 -8.82 -8.73 9.17
CA ARG A 103 -9.05 -7.94 10.38
C ARG A 103 -8.19 -6.68 10.31
N PHE A 104 -8.78 -5.54 10.67
CA PHE A 104 -8.13 -4.23 10.56
C PHE A 104 -7.58 -3.73 11.89
N HIS A 105 -8.19 -4.14 13.01
CA HIS A 105 -7.85 -3.59 14.33
C HIS A 105 -7.82 -4.67 15.41
N ASP A 106 -7.18 -4.35 16.54
CA ASP A 106 -7.25 -5.19 17.73
C ASP A 106 -8.67 -5.08 18.26
N ARG A 107 -8.89 -4.08 19.12
CA ARG A 107 -10.24 -3.68 19.46
C ARG A 107 -10.79 -3.01 18.20
N ASN A 108 -11.59 -3.77 17.45
CA ASN A 108 -11.89 -3.40 16.03
C ASN A 108 -12.60 -2.08 15.72
N LYS A 109 -11.84 -0.98 15.70
CA LYS A 109 -12.39 0.34 15.39
C LYS A 109 -12.84 0.45 13.92
N MET A 110 -12.25 -0.39 13.06
CA MET A 110 -12.48 -0.35 11.62
C MET A 110 -13.09 -1.66 11.13
N GLN A 111 -14.20 -1.60 10.39
CA GLN A 111 -14.82 -2.81 9.81
C GLN A 111 -15.43 -2.59 8.40
N ILE A 112 -15.39 -3.64 7.58
CA ILE A 112 -16.22 -3.70 6.36
C ILE A 112 -17.61 -4.19 6.79
N SER A 113 -18.65 -3.37 6.68
CA SER A 113 -20.02 -3.80 7.02
C SER A 113 -20.81 -4.42 5.84
N MET A 114 -20.50 -4.02 4.62
CA MET A 114 -21.17 -4.55 3.43
C MET A 114 -20.27 -4.51 2.22
N ALA A 115 -20.60 -5.33 1.25
CA ALA A 115 -19.79 -5.39 0.04
C ALA A 115 -20.69 -5.43 -1.20
N PHE A 116 -20.11 -5.06 -2.34
CA PHE A 116 -20.84 -4.96 -3.60
C PHE A 116 -20.07 -5.60 -4.73
N ASP A 117 -20.76 -6.21 -5.68
CA ASP A 117 -20.12 -6.66 -6.90
C ASP A 117 -21.18 -6.44 -7.98
N LEU A 118 -20.87 -6.76 -9.22
CA LEU A 118 -21.89 -6.76 -10.27
C LEU A 118 -23.12 -7.54 -9.81
N ASP A 119 -24.31 -7.09 -10.19
CA ASP A 119 -25.55 -7.75 -9.80
C ASP A 119 -25.63 -9.19 -10.30
N SER A 120 -24.94 -9.48 -11.38
CA SER A 120 -24.97 -10.80 -11.97
C SER A 120 -24.01 -11.79 -11.27
N ASN A 121 -23.15 -11.30 -10.38
CA ASN A 121 -22.12 -12.10 -9.74
C ASN A 121 -22.71 -13.14 -8.79
N ASP A 122 -22.17 -14.36 -8.78
CA ASP A 122 -22.67 -15.41 -7.84
C ASP A 122 -22.71 -15.00 -6.37
N LEU A 123 -21.84 -14.10 -5.97
CA LEU A 123 -21.71 -13.79 -4.57
C LEU A 123 -22.81 -12.84 -4.10
N VAL A 124 -23.53 -12.18 -5.01
CA VAL A 124 -24.56 -11.20 -4.63
C VAL A 124 -25.76 -11.88 -4.04
N GLY A 125 -26.37 -11.28 -3.03
CA GLY A 125 -27.46 -11.91 -2.27
C GLY A 125 -27.01 -12.87 -1.17
N LYS A 126 -25.71 -12.99 -0.96
CA LYS A 126 -25.13 -13.86 0.07
C LYS A 126 -24.53 -13.02 1.16
N THR A 127 -24.24 -13.69 2.28
CA THR A 127 -23.61 -13.07 3.43
C THR A 127 -22.34 -13.86 3.71
N THR A 128 -21.24 -13.17 3.99
CA THR A 128 -19.99 -13.84 4.26
C THR A 128 -20.09 -14.61 5.56
N GLU A 129 -19.11 -15.47 5.82
CA GLU A 129 -19.09 -16.27 7.04
C GLU A 129 -19.07 -15.40 8.30
N ASP A 130 -18.55 -14.18 8.15
CA ASP A 130 -18.43 -13.22 9.26
C ASP A 130 -19.60 -12.23 9.25
N GLY A 131 -20.69 -12.60 8.59
CA GLY A 131 -21.84 -11.70 8.45
C GLY A 131 -21.69 -10.43 7.59
N ILE A 132 -20.88 -10.44 6.55
CA ILE A 132 -20.87 -9.26 5.66
C ILE A 132 -21.79 -9.52 4.48
N PRO A 133 -22.89 -8.73 4.34
CA PRO A 133 -23.78 -8.93 3.20
C PRO A 133 -23.13 -8.45 1.92
N VAL A 134 -23.53 -9.04 0.81
CA VAL A 134 -23.01 -8.67 -0.47
C VAL A 134 -24.17 -8.28 -1.38
N TYR A 135 -24.09 -7.07 -1.93
CA TYR A 135 -25.16 -6.56 -2.74
C TYR A 135 -24.71 -6.24 -4.17
N GLY A 136 -25.68 -6.11 -5.05
CA GLY A 136 -25.44 -5.75 -6.44
C GLY A 136 -25.14 -4.27 -6.52
N ILE A 137 -24.13 -3.92 -7.29
CA ILE A 137 -23.75 -2.54 -7.48
C ILE A 137 -24.93 -1.64 -7.84
N SER A 138 -25.91 -2.11 -8.63
CA SER A 138 -27.05 -1.26 -8.97
C SER A 138 -27.82 -0.68 -7.80
N THR A 139 -27.62 -1.21 -6.57
CA THR A 139 -28.44 -0.84 -5.41
C THR A 139 -27.72 0.05 -4.44
N ILE A 140 -26.51 0.48 -4.78
CA ILE A 140 -25.69 1.22 -3.84
C ILE A 140 -26.39 2.46 -3.26
N ASN A 141 -27.20 3.15 -4.06
CA ASN A 141 -27.88 4.34 -3.58
C ASN A 141 -28.82 3.93 -2.44
N ASP A 142 -29.75 2.98 -2.64
CA ASP A 142 -30.59 2.46 -1.53
C ASP A 142 -29.76 2.25 -0.26
N HIS A 143 -28.81 1.33 -0.30
CA HIS A 143 -28.02 0.96 0.89
C HIS A 143 -27.24 2.12 1.59
N LEU A 144 -26.99 3.19 0.84
CA LEU A 144 -26.26 4.34 1.38
C LEU A 144 -27.16 5.46 1.97
N ILE A 145 -28.38 5.65 1.47
CA ILE A 145 -29.23 6.72 2.01
C ILE A 145 -29.86 6.39 3.39
N ASP A 146 -28.98 6.21 4.38
CA ASP A 146 -29.34 5.75 5.72
C ASP A 146 -28.11 5.49 6.61
N SER A 147 -27.03 5.05 5.97
CA SER A 147 -25.82 4.49 6.62
C SER A 147 -24.84 5.58 7.08
N ASP A 148 -23.93 5.21 7.96
CA ASP A 148 -22.87 6.14 8.31
C ASP A 148 -21.74 6.10 7.25
N ILE A 149 -21.89 5.26 6.22
CA ILE A 149 -20.76 4.90 5.34
C ILE A 149 -20.37 6.06 4.40
N GLU A 150 -19.13 6.50 4.61
CA GLU A 150 -18.43 7.54 3.85
C GLU A 150 -17.22 6.99 3.07
N THR A 151 -16.83 5.74 3.36
CA THR A 151 -15.55 5.18 2.95
C THR A 151 -15.70 3.89 2.16
N ALA A 152 -14.90 3.76 1.09
CA ALA A 152 -14.96 2.65 0.17
C ALA A 152 -13.60 2.05 -0.15
N ILE A 153 -13.49 0.73 -0.14
CA ILE A 153 -12.30 0.11 -0.67
C ILE A 153 -12.71 -0.33 -2.05
N LEU A 154 -11.89 -0.08 -3.06
CA LEU A 154 -12.20 -0.36 -4.45
C LEU A 154 -11.27 -1.39 -5.02
N THR A 155 -11.84 -2.54 -5.41
CA THR A 155 -11.07 -3.69 -5.80
C THR A 155 -11.70 -4.33 -7.05
N VAL A 156 -11.86 -3.50 -8.11
CA VAL A 156 -12.45 -3.88 -9.36
C VAL A 156 -11.34 -3.96 -10.40
N PRO A 157 -11.56 -4.63 -11.53
CA PRO A 157 -10.47 -4.61 -12.54
C PRO A 157 -10.06 -3.17 -12.90
N SER A 158 -8.82 -2.96 -13.30
CA SER A 158 -8.34 -1.64 -13.66
C SER A 158 -9.22 -0.94 -14.64
N THR A 159 -9.82 -1.69 -15.57
CA THR A 159 -10.57 -1.09 -16.66
C THR A 159 -11.85 -0.44 -16.13
N GLU A 160 -12.35 -0.89 -14.95
CA GLU A 160 -13.59 -0.36 -14.42
C GLU A 160 -13.40 0.66 -13.30
N ALA A 161 -12.16 0.98 -12.92
CA ALA A 161 -11.98 1.61 -11.64
C ALA A 161 -12.51 3.03 -11.66
N GLN A 162 -12.20 3.79 -12.68
CA GLN A 162 -12.68 5.17 -12.81
C GLN A 162 -14.20 5.22 -12.77
N GLU A 163 -14.79 4.45 -13.65
CA GLU A 163 -16.23 4.45 -13.79
C GLU A 163 -16.98 4.02 -12.50
N VAL A 164 -16.52 2.96 -11.87
CA VAL A 164 -17.02 2.65 -10.59
C VAL A 164 -16.67 3.73 -9.58
N ALA A 165 -15.50 4.37 -9.68
CA ALA A 165 -15.26 5.41 -8.71
C ALA A 165 -16.29 6.54 -8.89
N ASP A 166 -16.69 6.82 -10.13
CA ASP A 166 -17.69 7.83 -10.37
C ASP A 166 -19.03 7.50 -9.70
N ILE A 167 -19.41 6.23 -9.67
CA ILE A 167 -20.63 5.76 -9.01
C ILE A 167 -20.48 5.91 -7.50
N LEU A 168 -19.35 5.51 -6.94
CA LEU A 168 -19.14 5.74 -5.52
C LEU A 168 -19.36 7.22 -5.14
N VAL A 169 -18.73 8.14 -5.86
CA VAL A 169 -18.80 9.57 -5.53
C VAL A 169 -20.20 10.09 -5.67
N LYS A 170 -20.90 9.63 -6.69
CA LYS A 170 -22.29 10.00 -6.90
C LYS A 170 -23.15 9.54 -5.72
N ALA A 171 -22.92 8.31 -5.27
CA ALA A 171 -23.65 7.78 -4.14
C ALA A 171 -23.25 8.47 -2.83
N GLY A 172 -22.25 9.33 -2.85
CA GLY A 172 -21.91 10.14 -1.67
C GLY A 172 -20.70 9.66 -0.88
N ILE A 173 -19.87 8.81 -1.48
CA ILE A 173 -18.69 8.35 -0.80
C ILE A 173 -17.69 9.50 -0.80
N LYS A 174 -16.92 9.66 0.29
CA LYS A 174 -15.99 10.77 0.40
C LYS A 174 -14.54 10.31 0.36
N GLY A 175 -14.30 9.02 0.56
CA GLY A 175 -12.94 8.49 0.57
C GLY A 175 -12.87 7.15 -0.08
N ILE A 176 -11.81 6.95 -0.84
CA ILE A 176 -11.62 5.72 -1.58
C ILE A 176 -10.22 5.30 -1.39
N LEU A 177 -10.03 4.08 -0.91
CA LEU A 177 -8.77 3.37 -0.89
C LEU A 177 -8.79 2.41 -2.07
N SER A 178 -8.03 2.69 -3.14
CA SER A 178 -8.16 1.88 -4.35
C SER A 178 -7.00 0.94 -4.55
N PHE A 179 -7.30 -0.27 -4.98
CA PHE A 179 -6.27 -1.24 -5.30
C PHE A 179 -5.97 -1.34 -6.78
N SER A 180 -6.62 -0.53 -7.64
CA SER A 180 -6.24 -0.49 -9.08
C SER A 180 -5.10 0.47 -9.31
N PRO A 181 -4.13 0.12 -10.19
CA PRO A 181 -3.00 0.98 -10.52
C PRO A 181 -3.36 2.00 -11.58
N VAL A 182 -4.42 2.72 -11.36
CA VAL A 182 -4.92 3.54 -12.42
C VAL A 182 -5.31 4.78 -11.67
N HIS A 183 -4.90 5.90 -12.21
CA HIS A 183 -5.18 7.16 -11.65
C HIS A 183 -6.66 7.49 -11.76
N LEU A 184 -7.25 7.91 -10.65
CA LEU A 184 -8.66 8.21 -10.61
C LEU A 184 -8.72 9.70 -10.58
N THR A 185 -9.39 10.28 -11.58
CA THR A 185 -9.65 11.71 -11.66
C THR A 185 -11.04 11.95 -11.07
N LEU A 186 -11.10 12.53 -9.89
CA LEU A 186 -12.37 12.74 -9.20
C LEU A 186 -12.41 14.14 -8.64
N PRO A 187 -13.61 14.67 -8.30
CA PRO A 187 -13.68 16.03 -7.76
C PRO A 187 -12.68 16.24 -6.63
N LYS A 188 -12.16 17.48 -6.51
CA LYS A 188 -11.05 17.77 -5.58
C LYS A 188 -11.39 17.51 -4.12
N ASP A 189 -12.65 17.30 -3.79
CA ASP A 189 -13.00 17.13 -2.38
C ASP A 189 -12.88 15.68 -1.98
N ILE A 190 -12.86 14.80 -2.97
CA ILE A 190 -12.74 13.38 -2.70
C ILE A 190 -11.28 13.08 -2.36
N ILE A 191 -11.07 12.39 -1.22
CA ILE A 191 -9.74 11.84 -0.89
C ILE A 191 -9.59 10.42 -1.43
N VAL A 192 -8.54 10.20 -2.23
CA VAL A 192 -8.16 8.89 -2.74
C VAL A 192 -6.75 8.47 -2.27
N GLN A 193 -6.61 7.20 -1.88
CA GLN A 193 -5.32 6.67 -1.47
C GLN A 193 -5.12 5.37 -2.24
N TYR A 194 -3.90 5.11 -2.69
CA TYR A 194 -3.65 4.01 -3.59
C TYR A 194 -2.95 2.92 -2.87
N VAL A 195 -3.40 1.67 -3.04
CA VAL A 195 -2.52 0.56 -2.71
C VAL A 195 -2.27 -0.21 -3.95
N ASP A 196 -1.09 0.01 -4.53
CA ASP A 196 -0.82 -0.55 -5.84
C ASP A 196 0.27 -1.60 -5.72
N LEU A 197 -0.12 -2.85 -5.62
CA LEU A 197 0.76 -3.92 -5.20
C LEU A 197 1.94 -4.17 -6.14
N THR A 198 1.68 -4.17 -7.43
CA THR A 198 2.74 -4.26 -8.41
C THR A 198 3.82 -3.19 -8.18
N SER A 199 3.42 -1.94 -7.98
CA SER A 199 4.39 -0.86 -7.93
C SER A 199 5.08 -0.75 -6.56
N GLU A 200 4.39 -1.18 -5.57
CA GLU A 200 5.01 -1.41 -4.27
C GLU A 200 6.14 -2.46 -4.36
N LEU A 201 5.94 -3.53 -5.10
CA LEU A 201 7.00 -4.47 -5.21
C LEU A 201 8.12 -3.87 -6.09
N GLN A 202 7.78 -3.11 -7.14
CA GLN A 202 8.84 -2.53 -7.99
C GLN A 202 9.67 -1.56 -7.19
N THR A 203 9.02 -0.87 -6.28
CA THR A 203 9.70 0.14 -5.46
C THR A 203 10.61 -0.57 -4.54
N LEU A 204 10.17 -1.66 -3.91
CA LEU A 204 11.15 -2.47 -3.11
C LEU A 204 12.34 -2.82 -4.00
N LEU A 205 12.05 -3.36 -5.18
CA LEU A 205 13.10 -3.75 -6.12
C LEU A 205 14.02 -2.58 -6.43
N TYR A 206 13.47 -1.41 -6.66
CA TYR A 206 14.30 -0.24 -6.91
C TYR A 206 15.25 -0.02 -5.73
N PHE A 207 14.75 0.02 -4.50
CA PHE A 207 15.70 0.27 -3.41
C PHE A 207 16.77 -0.80 -3.22
N MET A 208 16.41 -2.05 -3.45
CA MET A 208 17.39 -3.16 -3.34
C MET A 208 18.50 -3.03 -4.35
N ASN A 209 18.18 -2.62 -5.58
CA ASN A 209 19.20 -2.48 -6.63
C ASN A 209 20.01 -1.18 -6.52
N GLN A 210 19.55 -0.22 -5.73
CA GLN A 210 20.44 0.89 -5.34
C GLN A 210 21.41 0.34 -4.29
N GLN A 211 20.88 -0.07 -3.14
CA GLN A 211 21.66 -0.63 -2.02
C GLN A 211 21.84 -2.15 -2.14
N SER B 6 21.48 10.51 -9.75
CA SER B 6 21.35 9.77 -8.46
C SER B 6 20.13 10.32 -7.72
N ILE B 7 18.94 9.76 -7.96
CA ILE B 7 17.71 10.34 -7.44
C ILE B 7 17.60 10.26 -5.92
N PRO B 8 17.09 11.32 -5.30
CA PRO B 8 16.88 11.29 -3.86
C PRO B 8 15.78 10.32 -3.46
N LYS B 9 15.90 9.77 -2.26
CA LYS B 9 15.01 8.75 -1.74
C LYS B 9 13.52 9.13 -1.83
N ALA B 10 13.18 10.31 -1.33
CA ALA B 10 11.82 10.81 -1.35
C ALA B 10 11.31 10.99 -2.80
N THR B 11 12.23 11.31 -3.72
CA THR B 11 11.86 11.43 -5.11
C THR B 11 11.53 10.03 -5.64
N ALA B 12 12.39 9.07 -5.37
CA ALA B 12 12.17 7.69 -5.78
C ALA B 12 10.86 7.10 -5.26
N LYS B 13 10.46 7.46 -4.04
CA LYS B 13 9.18 6.97 -3.53
C LYS B 13 8.05 7.50 -4.38
N ARG B 14 8.26 8.57 -5.10
CA ARG B 14 7.19 9.14 -5.92
C ARG B 14 7.15 8.59 -7.35
N LEU B 15 8.13 7.80 -7.75
CA LEU B 15 8.28 7.37 -9.19
C LEU B 15 6.97 6.77 -9.64
N SER B 16 6.43 5.89 -8.83
CA SER B 16 5.30 5.13 -9.30
C SER B 16 4.00 5.96 -9.33
N LEU B 17 3.95 7.01 -8.54
CA LEU B 17 2.95 8.03 -8.60
C LEU B 17 3.01 8.86 -9.88
N TYR B 18 4.23 9.16 -10.32
CA TYR B 18 4.38 9.92 -11.53
C TYR B 18 4.04 9.01 -12.75
N TYR B 19 4.46 7.77 -12.73
CA TYR B 19 4.08 6.82 -13.75
C TYR B 19 2.56 6.81 -13.93
N ARG B 20 1.86 6.56 -12.81
CA ARG B 20 0.39 6.53 -12.77
C ARG B 20 -0.28 7.73 -13.37
N ILE B 21 0.15 8.92 -12.99
CA ILE B 21 -0.49 10.10 -13.53
C ILE B 21 -0.19 10.29 -15.02
N PHE B 22 1.02 9.94 -15.46
CA PHE B 22 1.39 10.07 -16.90
C PHE B 22 0.67 9.07 -17.77
N LYS B 23 0.48 7.86 -17.24
CA LYS B 23 -0.30 6.85 -17.92
C LYS B 23 -1.66 7.32 -18.28
N ARG B 24 -2.34 7.88 -17.28
CA ARG B 24 -3.67 8.38 -17.47
C ARG B 24 -3.67 9.55 -18.43
N PHE B 25 -2.72 10.47 -18.33
CA PHE B 25 -2.68 11.56 -19.32
C PHE B 25 -2.53 10.91 -20.67
N ASN B 26 -1.64 9.92 -20.74
CA ASN B 26 -1.39 9.32 -22.02
C ASN B 26 -2.67 8.66 -22.58
N THR B 27 -3.44 8.01 -21.71
CA THR B 27 -4.64 7.32 -22.17
C THR B 27 -5.61 8.34 -22.73
N ASP B 28 -5.70 9.50 -22.07
CA ASP B 28 -6.59 10.61 -22.50
C ASP B 28 -6.13 11.51 -23.64
N GLY B 29 -5.03 11.17 -24.27
CA GLY B 29 -4.61 11.87 -25.48
C GLY B 29 -3.79 13.13 -25.24
N ILE B 30 -3.34 13.37 -24.01
CA ILE B 30 -2.59 14.60 -23.73
C ILE B 30 -1.12 14.40 -24.12
N GLU B 31 -0.59 15.27 -24.97
CA GLU B 31 0.78 15.14 -25.44
C GLU B 31 1.70 15.77 -24.44
N LYS B 32 1.27 16.88 -23.84
CA LYS B 32 2.18 17.76 -23.09
C LYS B 32 1.53 18.16 -21.78
N ALA B 33 2.30 18.18 -20.70
CA ALA B 33 1.78 18.54 -19.38
C ALA B 33 2.66 19.59 -18.71
N SER B 34 1.98 20.45 -17.96
CA SER B 34 2.61 21.46 -17.12
C SER B 34 2.82 20.82 -15.79
N SER B 35 3.87 21.26 -15.09
CA SER B 35 4.09 20.86 -13.72
C SER B 35 2.90 21.25 -12.84
N LYS B 36 2.25 22.37 -13.14
CA LYS B 36 1.03 22.71 -12.42
C LYS B 36 -0.01 21.57 -12.53
N GLN B 37 -0.29 21.13 -13.76
CA GLN B 37 -1.27 20.05 -13.98
C GLN B 37 -0.90 18.80 -13.21
N ILE B 38 0.38 18.47 -13.19
CA ILE B 38 0.86 17.25 -12.54
C ILE B 38 0.68 17.43 -11.04
N ALA B 39 1.04 18.59 -10.52
CA ALA B 39 0.82 18.88 -9.10
C ALA B 39 -0.64 18.78 -8.72
N ASP B 40 -1.51 19.39 -9.50
CA ASP B 40 -2.94 19.43 -9.14
C ASP B 40 -3.55 18.05 -9.10
N ALA B 41 -3.17 17.20 -10.05
CA ALA B 41 -3.68 15.83 -10.13
C ALA B 41 -3.18 15.01 -8.97
N LEU B 42 -1.95 15.28 -8.57
CA LEU B 42 -1.27 14.51 -7.54
C LEU B 42 -1.62 15.05 -6.16
N GLY B 43 -2.10 16.30 -6.08
CA GLY B 43 -2.32 16.96 -4.81
C GLY B 43 -1.06 17.29 -4.02
N ILE B 44 0.07 17.48 -4.71
CA ILE B 44 1.30 18.02 -4.09
C ILE B 44 1.74 19.42 -4.58
N ASP B 45 2.78 19.95 -3.95
CA ASP B 45 3.29 21.25 -4.29
C ASP B 45 3.97 21.20 -5.64
N SER B 46 3.47 22.02 -6.56
CA SER B 46 4.07 22.23 -7.87
C SER B 46 5.59 22.47 -7.84
N ALA B 47 6.11 23.03 -6.74
CA ALA B 47 7.56 23.19 -6.60
C ALA B 47 8.23 21.84 -6.32
N THR B 48 7.50 20.90 -5.71
CA THR B 48 8.05 19.56 -5.52
C THR B 48 8.14 18.79 -6.85
N VAL B 49 7.12 18.94 -7.69
CA VAL B 49 7.12 18.30 -8.99
C VAL B 49 8.38 18.74 -9.69
N ARG B 50 8.70 20.01 -9.53
CA ARG B 50 9.79 20.61 -10.26
C ARG B 50 11.18 20.22 -9.76
N ARG B 51 11.37 20.12 -8.44
CA ARG B 51 12.66 19.63 -7.93
C ARG B 51 12.83 18.17 -8.31
N ASP B 52 11.75 17.39 -8.22
CA ASP B 52 11.76 15.96 -8.65
C ASP B 52 12.21 15.81 -10.10
N PHE B 53 11.53 16.52 -10.99
CA PHE B 53 11.79 16.43 -12.44
C PHE B 53 13.16 16.88 -12.88
N SER B 54 13.82 17.72 -12.08
CA SER B 54 15.21 18.10 -12.33
C SER B 54 16.16 16.92 -12.26
N TYR B 55 15.74 15.82 -11.63
CA TYR B 55 16.57 14.62 -11.54
C TYR B 55 16.28 13.64 -12.68
N PHE B 56 15.22 13.93 -13.47
CA PHE B 56 14.76 12.99 -14.51
C PHE B 56 15.31 13.28 -15.93
N GLY B 57 16.52 13.82 -16.01
CA GLY B 57 17.23 14.01 -17.30
C GLY B 57 16.62 15.09 -18.17
N GLU B 58 16.97 15.08 -19.46
CA GLU B 58 16.51 16.08 -20.45
C GLU B 58 14.99 16.25 -20.59
N LEU B 59 14.24 15.17 -20.34
CA LEU B 59 12.80 15.19 -20.50
C LEU B 59 12.18 16.02 -19.41
N GLY B 60 12.82 16.04 -18.24
CA GLY B 60 12.34 16.76 -17.08
C GLY B 60 13.02 18.11 -16.81
N ARG B 61 14.08 18.42 -17.54
CA ARG B 61 14.96 19.57 -17.18
C ARG B 61 14.35 20.93 -17.50
N ARG B 62 13.21 20.95 -18.21
CA ARG B 62 12.47 22.20 -18.48
C ARG B 62 11.19 22.18 -17.65
N GLY B 63 10.92 23.27 -16.93
CA GLY B 63 9.90 23.19 -15.88
C GLY B 63 8.50 23.09 -16.41
N PHE B 64 8.38 22.70 -17.67
CA PHE B 64 7.11 22.81 -18.40
C PHE B 64 7.15 22.01 -19.71
N GLY B 65 5.97 21.87 -20.32
CA GLY B 65 5.82 21.13 -21.58
C GLY B 65 6.49 19.75 -21.54
N TYR B 66 6.24 19.03 -20.45
CA TYR B 66 6.78 17.70 -20.30
C TYR B 66 6.06 16.80 -21.27
N ASP B 67 6.85 16.07 -22.06
CA ASP B 67 6.38 15.12 -23.05
C ASP B 67 5.82 13.91 -22.31
N VAL B 68 4.53 13.70 -22.45
CA VAL B 68 3.82 12.74 -21.65
C VAL B 68 4.12 11.31 -22.04
N LYS B 69 4.18 11.02 -23.33
CA LYS B 69 4.47 9.66 -23.79
C LYS B 69 5.86 9.23 -23.34
N LYS B 70 6.86 10.05 -23.59
CA LYS B 70 8.23 9.69 -23.31
C LYS B 70 8.51 9.55 -21.82
N LEU B 71 7.92 10.41 -20.98
CA LEU B 71 8.16 10.33 -19.54
C LEU B 71 7.40 9.20 -18.90
N MET B 72 6.17 8.92 -19.34
CA MET B 72 5.50 7.72 -18.91
C MET B 72 6.46 6.53 -19.05
N ASN B 73 7.06 6.40 -20.24
CA ASN B 73 8.00 5.31 -20.55
C ASN B 73 9.32 5.41 -19.76
N PHE B 74 9.81 6.64 -19.56
CA PHE B 74 10.99 6.86 -18.73
C PHE B 74 10.76 6.29 -17.32
N PHE B 75 9.57 6.57 -16.76
CA PHE B 75 9.24 6.06 -15.45
C PHE B 75 9.10 4.53 -15.45
N ALA B 76 8.38 3.94 -16.39
CA ALA B 76 8.22 2.47 -16.47
C ALA B 76 9.59 1.83 -16.61
N GLU B 77 10.45 2.40 -17.42
CA GLU B 77 11.70 1.78 -17.65
C GLU B 77 12.66 1.94 -16.41
N ILE B 78 12.53 2.97 -15.57
CA ILE B 78 13.34 2.98 -14.34
C ILE B 78 12.86 1.91 -13.44
N LEU B 79 11.55 1.77 -13.33
CA LEU B 79 10.97 0.80 -12.39
C LEU B 79 11.10 -0.68 -12.86
N ASN B 80 11.42 -0.92 -14.12
CA ASN B 80 11.70 -2.30 -14.62
C ASN B 80 13.19 -2.55 -14.92
N ASP B 81 14.07 -1.66 -14.45
CA ASP B 81 15.51 -1.72 -14.74
C ASP B 81 16.28 -2.61 -13.79
N HIS B 82 15.98 -3.91 -13.83
CA HIS B 82 16.65 -4.92 -13.06
C HIS B 82 16.40 -6.19 -13.85
N SER B 83 17.18 -7.23 -13.58
CA SER B 83 16.94 -8.47 -14.32
C SER B 83 15.78 -9.23 -13.67
N THR B 84 15.48 -10.41 -14.21
CA THR B 84 14.33 -11.17 -13.80
C THR B 84 14.52 -11.62 -12.35
N THR B 85 13.54 -11.30 -11.52
CA THR B 85 13.74 -11.44 -10.11
C THR B 85 12.75 -12.46 -9.63
N ASN B 86 13.31 -13.49 -8.99
CA ASN B 86 12.49 -14.47 -8.31
C ASN B 86 12.19 -14.00 -6.90
N VAL B 87 10.93 -14.15 -6.53
CA VAL B 87 10.42 -13.72 -5.23
C VAL B 87 9.69 -14.88 -4.50
N MET B 88 9.92 -15.02 -3.21
CA MET B 88 9.19 -16.00 -2.45
C MET B 88 8.04 -15.34 -1.70
N LEU B 89 6.92 -16.04 -1.53
CA LEU B 89 5.86 -15.56 -0.67
C LEU B 89 5.89 -16.37 0.62
N VAL B 90 5.73 -15.68 1.76
CA VAL B 90 5.66 -16.31 3.07
C VAL B 90 4.37 -15.90 3.74
N GLY B 91 3.42 -16.83 3.85
CA GLY B 91 2.11 -16.56 4.44
C GLY B 91 1.05 -16.62 3.36
N CYS B 92 0.55 -17.82 3.11
CA CYS B 92 -0.49 -18.08 2.09
C CYS B 92 -1.83 -18.05 2.78
N GLY B 93 -2.04 -17.00 3.59
CA GLY B 93 -3.27 -16.84 4.34
C GLY B 93 -4.17 -16.14 3.36
N ASN B 94 -4.64 -14.95 3.74
CA ASN B 94 -5.66 -14.31 2.94
C ASN B 94 -5.03 -13.46 1.86
N ILE B 95 -4.64 -12.27 2.25
CA ILE B 95 -4.04 -11.39 1.32
C ILE B 95 -2.93 -12.11 0.50
N GLY B 96 -2.23 -13.04 1.13
CA GLY B 96 -1.29 -13.93 0.45
C GLY B 96 -1.94 -14.86 -0.55
N ARG B 97 -3.09 -15.42 -0.20
CA ARG B 97 -3.83 -16.27 -1.12
C ARG B 97 -3.96 -15.57 -2.47
N ALA B 98 -4.44 -14.33 -2.44
CA ALA B 98 -4.56 -13.49 -3.66
C ALA B 98 -3.25 -13.26 -4.42
N LEU B 99 -2.18 -12.82 -3.75
CA LEU B 99 -0.91 -12.59 -4.44
C LEU B 99 -0.36 -13.88 -5.03
N LEU B 100 -0.65 -14.99 -4.36
CA LEU B 100 -0.17 -16.30 -4.77
C LEU B 100 -0.66 -16.69 -6.17
N HIS B 101 -1.85 -16.22 -6.51
CA HIS B 101 -2.48 -16.51 -7.78
C HIS B 101 -2.11 -15.50 -8.87
N TYR B 102 -1.60 -14.33 -8.49
CA TYR B 102 -1.33 -13.27 -9.47
C TYR B 102 -0.03 -13.46 -10.25
N ARG B 103 -0.14 -13.26 -11.57
CA ARG B 103 0.97 -13.38 -12.50
C ARG B 103 1.29 -12.02 -13.09
N PHE B 104 2.37 -11.43 -12.62
CA PHE B 104 2.80 -10.08 -12.98
C PHE B 104 3.04 -9.97 -14.47
N HIS B 105 2.74 -8.81 -15.05
CA HIS B 105 3.05 -8.63 -16.46
C HIS B 105 4.53 -8.91 -16.75
N ASP B 106 4.79 -9.53 -17.91
CA ASP B 106 6.12 -9.94 -18.34
C ASP B 106 7.13 -8.83 -18.22
N ARG B 107 6.74 -7.65 -18.68
CA ARG B 107 7.51 -6.41 -18.52
C ARG B 107 8.07 -6.16 -17.12
N ASN B 108 7.38 -6.63 -16.09
CA ASN B 108 7.82 -6.36 -14.73
C ASN B 108 9.07 -7.16 -14.34
N LYS B 109 9.38 -8.24 -15.08
CA LYS B 109 10.55 -9.03 -14.80
C LYS B 109 10.68 -9.45 -13.30
N MET B 110 9.57 -9.95 -12.78
CA MET B 110 9.49 -10.37 -11.38
C MET B 110 8.36 -11.40 -11.27
N GLN B 111 8.58 -12.42 -10.47
CA GLN B 111 7.53 -13.42 -10.25
C GLN B 111 7.72 -14.11 -8.90
N ILE B 112 6.58 -14.46 -8.27
CA ILE B 112 6.56 -15.34 -7.11
C ILE B 112 6.76 -16.79 -7.59
N SER B 113 7.89 -17.39 -7.22
CA SER B 113 8.26 -18.71 -7.70
C SER B 113 8.16 -19.78 -6.60
N MET B 114 8.05 -19.37 -5.34
CA MET B 114 7.69 -20.32 -4.31
C MET B 114 7.00 -19.65 -3.13
N ALA B 115 6.20 -20.46 -2.47
CA ALA B 115 5.37 -20.01 -1.38
C ALA B 115 5.60 -20.84 -0.11
N PHE B 116 5.35 -20.22 1.03
CA PHE B 116 5.56 -20.81 2.29
C PHE B 116 4.40 -20.51 3.24
N ASP B 117 4.02 -21.51 4.03
CA ASP B 117 3.14 -21.31 5.19
C ASP B 117 3.55 -22.21 6.38
N LEU B 118 3.01 -21.89 7.57
CA LEU B 118 3.25 -22.71 8.78
C LEU B 118 2.83 -24.16 8.49
N ASP B 119 3.63 -25.13 8.95
CA ASP B 119 3.51 -26.55 8.55
C ASP B 119 2.15 -27.23 8.81
N SER B 120 1.34 -26.68 9.72
CA SER B 120 -0.03 -27.18 9.98
C SER B 120 -1.05 -26.77 8.90
N ASN B 121 -0.67 -25.84 8.01
CA ASN B 121 -1.54 -25.35 6.91
C ASN B 121 -1.83 -26.49 5.91
N ASP B 122 -2.94 -26.38 5.17
CA ASP B 122 -3.36 -27.42 4.23
C ASP B 122 -2.47 -27.47 2.99
N LEU B 123 -2.14 -26.30 2.47
CA LEU B 123 -1.51 -26.20 1.14
C LEU B 123 -0.07 -26.73 1.06
N VAL B 124 0.61 -26.88 2.20
CA VAL B 124 2.00 -27.39 2.23
C VAL B 124 2.14 -28.69 1.45
N GLY B 125 3.21 -28.82 0.66
CA GLY B 125 3.41 -30.00 -0.19
C GLY B 125 2.67 -29.91 -1.52
N LYS B 126 1.38 -29.53 -1.48
CA LYS B 126 0.60 -29.33 -2.68
C LYS B 126 1.22 -28.25 -3.56
N THR B 127 0.62 -28.00 -4.71
CA THR B 127 1.09 -26.95 -5.63
C THR B 127 -0.11 -26.20 -6.24
N THR B 128 0.08 -24.91 -6.51
CA THR B 128 -0.99 -24.08 -7.04
C THR B 128 -1.30 -24.49 -8.48
N GLU B 129 -2.55 -24.24 -8.87
CA GLU B 129 -3.00 -24.46 -10.26
C GLU B 129 -2.30 -23.50 -11.18
N ASP B 130 -1.77 -22.42 -10.61
CA ASP B 130 -0.96 -21.49 -11.36
C ASP B 130 0.50 -21.95 -11.51
N GLY B 131 0.95 -22.94 -10.73
CA GLY B 131 2.31 -23.51 -10.88
C GLY B 131 3.27 -23.45 -9.69
N ILE B 132 2.88 -22.78 -8.60
CA ILE B 132 3.83 -22.47 -7.51
C ILE B 132 3.78 -23.50 -6.36
N PRO B 133 4.93 -24.12 -6.03
CA PRO B 133 4.95 -25.06 -4.91
C PRO B 133 4.89 -24.33 -3.57
N VAL B 134 4.25 -24.96 -2.59
CA VAL B 134 4.02 -24.38 -1.28
C VAL B 134 4.69 -25.25 -0.23
N TYR B 135 5.74 -24.74 0.41
CA TYR B 135 6.46 -25.51 1.44
C TYR B 135 6.24 -24.94 2.85
N GLY B 136 6.56 -25.73 3.88
CA GLY B 136 6.41 -25.27 5.26
C GLY B 136 7.47 -24.27 5.66
N ILE B 137 7.14 -23.26 6.48
CA ILE B 137 8.14 -22.28 6.96
C ILE B 137 9.38 -23.00 7.57
N SER B 138 9.23 -24.28 7.87
CA SER B 138 10.33 -25.08 8.40
C SER B 138 11.33 -25.39 7.28
N THR B 139 10.82 -25.74 6.11
CA THR B 139 11.68 -26.04 4.95
C THR B 139 12.37 -24.81 4.32
N ILE B 140 12.26 -23.64 4.96
CA ILE B 140 12.77 -22.37 4.40
C ILE B 140 14.27 -22.32 4.07
N ASN B 141 15.10 -22.76 5.01
CA ASN B 141 16.55 -22.55 4.96
C ASN B 141 17.20 -23.47 3.94
N ASP B 142 16.78 -24.74 3.96
CA ASP B 142 17.18 -25.72 2.95
C ASP B 142 16.68 -25.40 1.55
N HIS B 143 15.46 -24.88 1.44
CA HIS B 143 14.87 -24.54 0.12
C HIS B 143 15.47 -23.38 -0.69
N LEU B 144 16.38 -22.61 -0.11
CA LEU B 144 17.19 -21.66 -0.90
C LEU B 144 18.50 -22.33 -1.36
N SER B 147 20.13 -21.04 -4.01
CA SER B 147 19.16 -20.39 -4.89
C SER B 147 19.43 -18.89 -5.00
N ASP B 148 18.82 -18.26 -5.98
CA ASP B 148 19.08 -16.87 -6.27
C ASP B 148 18.05 -15.92 -5.62
N ILE B 149 17.07 -16.47 -4.88
CA ILE B 149 15.97 -15.67 -4.30
C ILE B 149 16.51 -14.79 -3.19
N GLU B 150 16.27 -13.49 -3.31
CA GLU B 150 16.75 -12.44 -2.42
C GLU B 150 15.59 -11.63 -1.79
N THR B 151 14.39 -11.81 -2.35
CA THR B 151 13.25 -10.92 -2.14
C THR B 151 12.04 -11.69 -1.61
N ALA B 152 11.35 -11.15 -0.63
CA ALA B 152 10.25 -11.89 0.00
C ALA B 152 9.04 -11.01 0.19
N ILE B 153 7.86 -11.60 0.03
CA ILE B 153 6.61 -10.96 0.42
C ILE B 153 6.15 -11.63 1.73
N LEU B 154 5.81 -10.83 2.73
CA LEU B 154 5.50 -11.30 4.05
C LEU B 154 4.09 -10.90 4.46
N THR B 155 3.28 -11.89 4.79
CA THR B 155 1.84 -11.69 5.04
C THR B 155 1.35 -12.48 6.29
N VAL B 156 2.27 -12.76 7.23
CA VAL B 156 1.96 -13.61 8.35
C VAL B 156 1.40 -12.69 9.43
N PRO B 157 0.67 -13.22 10.45
CA PRO B 157 0.06 -12.38 11.50
C PRO B 157 1.07 -11.54 12.28
N SER B 158 0.64 -10.36 12.70
CA SER B 158 1.46 -9.47 13.56
C SER B 158 2.47 -10.18 14.46
N THR B 159 2.02 -11.22 15.15
CA THR B 159 2.83 -11.86 16.16
C THR B 159 3.92 -12.79 15.61
N GLU B 160 3.77 -13.32 14.40
CA GLU B 160 4.89 -14.05 13.77
C GLU B 160 5.79 -13.16 12.95
N ALA B 161 5.36 -11.94 12.64
CA ALA B 161 6.09 -11.16 11.62
C ALA B 161 7.61 -11.15 11.85
N GLN B 162 8.01 -10.70 13.05
CA GLN B 162 9.43 -10.46 13.37
C GLN B 162 10.15 -11.78 13.37
N GLU B 163 9.56 -12.75 14.03
CA GLU B 163 10.17 -14.07 14.10
C GLU B 163 10.50 -14.57 12.68
N VAL B 164 9.53 -14.47 11.77
CA VAL B 164 9.68 -14.99 10.40
C VAL B 164 10.71 -14.18 9.58
N ALA B 165 10.67 -12.85 9.68
CA ALA B 165 11.60 -12.02 8.95
C ALA B 165 13.03 -12.40 9.36
N ASP B 166 13.20 -12.71 10.64
CA ASP B 166 14.51 -13.14 11.15
C ASP B 166 14.92 -14.46 10.54
N ILE B 167 14.02 -15.45 10.50
CA ILE B 167 14.32 -16.65 9.71
C ILE B 167 14.76 -16.25 8.29
N LEU B 168 13.95 -15.48 7.59
CA LEU B 168 14.27 -15.13 6.17
C LEU B 168 15.62 -14.38 6.02
N VAL B 169 15.81 -13.32 6.81
CA VAL B 169 17.11 -12.64 6.88
C VAL B 169 18.25 -13.62 7.15
N LYS B 170 18.09 -14.50 8.14
CA LYS B 170 19.17 -15.49 8.41
C LYS B 170 19.35 -16.39 7.18
N ALA B 171 18.28 -16.63 6.45
CA ALA B 171 18.31 -17.48 5.27
C ALA B 171 18.85 -16.76 4.00
N GLY B 172 19.03 -15.44 4.05
CA GLY B 172 19.73 -14.70 2.98
C GLY B 172 18.86 -13.70 2.21
N ILE B 173 17.65 -13.49 2.70
CA ILE B 173 16.74 -12.54 2.08
C ILE B 173 17.20 -11.12 2.37
N LYS B 174 17.33 -10.33 1.31
CA LYS B 174 17.83 -8.95 1.42
C LYS B 174 16.71 -7.97 1.33
N GLY B 175 15.60 -8.34 0.69
CA GLY B 175 14.42 -7.46 0.60
C GLY B 175 13.09 -8.07 1.06
N ILE B 176 12.26 -7.28 1.73
CA ILE B 176 10.97 -7.74 2.22
C ILE B 176 9.82 -6.76 2.00
N LEU B 177 8.80 -7.21 1.28
CA LEU B 177 7.57 -6.46 1.14
C LEU B 177 6.60 -6.98 2.21
N SER B 178 6.44 -6.25 3.29
CA SER B 178 5.62 -6.77 4.35
C SER B 178 4.20 -6.17 4.45
N PHE B 179 3.20 -7.03 4.48
CA PHE B 179 1.80 -6.66 4.77
C PHE B 179 1.42 -6.77 6.25
N SER B 180 2.33 -7.23 7.11
CA SER B 180 2.00 -7.47 8.53
C SER B 180 2.09 -6.14 9.26
N PRO B 181 1.04 -5.80 10.03
CA PRO B 181 0.92 -4.44 10.58
C PRO B 181 1.75 -4.28 11.82
N VAL B 182 3.06 -4.53 11.70
CA VAL B 182 3.98 -4.38 12.78
C VAL B 182 5.31 -3.95 12.25
N HIS B 183 5.97 -3.08 12.99
CA HIS B 183 7.22 -2.59 12.57
C HIS B 183 8.33 -3.57 12.92
N LEU B 184 9.14 -3.89 11.93
CA LEU B 184 10.22 -4.84 12.08
C LEU B 184 11.52 -4.09 12.42
N THR B 185 12.39 -4.75 13.19
CA THR B 185 13.72 -4.25 13.41
C THR B 185 14.68 -5.32 12.87
N LEU B 186 15.37 -4.98 11.78
CA LEU B 186 16.20 -5.94 11.05
C LEU B 186 17.54 -5.30 10.74
N PRO B 187 18.56 -6.11 10.41
CA PRO B 187 19.90 -5.54 10.21
C PRO B 187 19.86 -4.32 9.29
N LYS B 188 20.87 -3.47 9.38
CA LYS B 188 20.92 -2.22 8.61
C LYS B 188 20.73 -2.42 7.10
N ASP B 189 21.40 -3.42 6.54
CA ASP B 189 21.42 -3.63 5.09
C ASP B 189 20.18 -4.28 4.49
N ILE B 190 19.16 -4.56 5.31
CA ILE B 190 17.93 -5.25 4.84
C ILE B 190 16.89 -4.22 4.41
N ILE B 191 16.44 -4.27 3.15
CA ILE B 191 15.40 -3.37 2.69
C ILE B 191 14.01 -3.91 3.06
N VAL B 192 13.17 -3.01 3.54
CA VAL B 192 11.81 -3.38 3.90
C VAL B 192 10.89 -2.26 3.48
N GLN B 193 9.79 -2.63 2.88
CA GLN B 193 8.82 -1.74 2.28
C GLN B 193 7.50 -2.28 2.86
N TYR B 194 6.66 -1.43 3.44
CA TYR B 194 5.44 -1.91 4.11
C TYR B 194 4.20 -1.51 3.38
N VAL B 195 3.21 -2.41 3.30
CA VAL B 195 1.87 -1.96 2.99
C VAL B 195 1.00 -2.42 4.14
N ASP B 196 0.77 -1.47 5.04
CA ASP B 196 -0.14 -1.61 6.16
C ASP B 196 -1.55 -1.11 5.82
N LEU B 197 -2.49 -2.02 5.70
CA LEU B 197 -3.83 -1.65 5.29
C LEU B 197 -4.52 -0.76 6.34
N THR B 198 -4.41 -1.15 7.59
CA THR B 198 -5.06 -0.38 8.63
C THR B 198 -4.49 1.02 8.70
N SER B 199 -3.18 1.17 8.63
CA SER B 199 -2.57 2.50 8.58
C SER B 199 -3.02 3.37 7.38
N GLU B 200 -3.26 2.74 6.23
CA GLU B 200 -3.77 3.42 5.03
C GLU B 200 -5.17 3.90 5.21
N LEU B 201 -5.99 3.12 5.90
CA LEU B 201 -7.35 3.54 6.13
C LEU B 201 -7.32 4.65 7.14
N GLN B 202 -6.51 4.49 8.18
CA GLN B 202 -6.39 5.56 9.20
C GLN B 202 -5.97 6.89 8.53
N THR B 203 -5.06 6.85 7.58
CA THR B 203 -4.61 8.08 6.95
C THR B 203 -5.74 8.70 6.11
N LEU B 204 -6.39 7.87 5.31
CA LEU B 204 -7.54 8.26 4.51
C LEU B 204 -8.60 8.91 5.38
N LEU B 205 -8.93 8.24 6.46
CA LEU B 205 -9.97 8.66 7.39
C LEU B 205 -9.61 9.98 8.11
N TYR B 206 -8.32 10.19 8.38
CA TYR B 206 -7.84 11.44 8.97
C TYR B 206 -8.01 12.61 8.00
N PHE B 207 -7.77 12.40 6.71
CA PHE B 207 -7.95 13.50 5.74
C PHE B 207 -9.42 13.81 5.48
N MET B 208 -10.28 12.80 5.54
CA MET B 208 -11.74 13.02 5.42
C MET B 208 -12.20 13.82 6.64
N ASN B 209 -11.61 13.55 7.80
CA ASN B 209 -12.03 14.22 9.03
C ASN B 209 -11.47 15.63 9.23
N GLN B 210 -10.51 16.02 8.39
CA GLN B 210 -10.11 17.42 8.23
C GLN B 210 -11.19 18.21 7.51
N GLN B 211 -12.10 17.47 6.88
CA GLN B 211 -13.29 18.01 6.24
C GLN B 211 -12.87 18.66 4.92
#